data_4R0O
#
_entry.id   4R0O
#
_cell.length_a   116.140
_cell.length_b   116.140
_cell.length_c   172.140
_cell.angle_alpha   90.00
_cell.angle_beta   90.00
_cell.angle_gamma   90.00
#
_symmetry.space_group_name_H-M   'P 41 21 2'
#
loop_
_entity.id
_entity.type
_entity.pdbx_description
1 polymer Plastocyanin
2 non-polymer 'COPPER (II) ION'
3 non-polymer 1-methylpyrrolidine-2,5-dione
#
_entity_poly.entity_id   1
_entity_poly.type   'polypeptide(L)'
_entity_poly.pdbx_seq_one_letter_code
;METFTVKMGADSGLLQFEPANVTVHPGDTVKWVNNKLPPHNILFDCKQVPGASKELADKLSHSQLMFSPGESYEITFSSD
FPAGTYTYYCAPHRGAGMVGKITVEG
;
_entity_poly.pdbx_strand_id   A,B,C,D
#
# COMPACT_ATOMS: atom_id res chain seq x y z
N MET A 1 -11.51 2.50 -20.89
CA MET A 1 -11.49 1.48 -19.86
C MET A 1 -11.78 0.10 -20.46
N GLU A 2 -10.73 -0.68 -20.68
CA GLU A 2 -10.88 -2.00 -21.28
C GLU A 2 -10.42 -3.09 -20.34
N THR A 3 -10.30 -4.31 -20.89
CA THR A 3 -9.84 -5.44 -20.13
C THR A 3 -8.98 -6.34 -21.01
N PHE A 4 -7.68 -6.35 -20.72
CA PHE A 4 -6.74 -7.16 -21.48
C PHE A 4 -6.55 -8.52 -20.84
N THR A 5 -6.51 -9.57 -21.65
CA THR A 5 -6.37 -10.93 -21.14
C THR A 5 -5.05 -11.56 -21.59
N VAL A 6 -4.30 -12.11 -20.64
CA VAL A 6 -3.04 -12.78 -20.93
C VAL A 6 -3.06 -14.23 -20.46
N LYS A 7 -2.66 -15.14 -21.35
CA LYS A 7 -2.68 -16.56 -21.02
C LYS A 7 -1.33 -17.00 -20.46
N MET A 8 -1.38 -17.71 -19.33
CA MET A 8 -0.17 -18.20 -18.68
C MET A 8 0.18 -19.56 -19.26
N GLY A 9 0.97 -19.53 -20.34
CA GLY A 9 1.27 -20.73 -21.11
C GLY A 9 0.59 -20.61 -22.46
N ALA A 10 1.40 -20.56 -23.52
CA ALA A 10 0.88 -20.35 -24.87
C ALA A 10 0.07 -21.56 -25.35
N ASP A 11 -0.91 -21.30 -26.19
CA ASP A 11 -1.76 -22.36 -26.75
C ASP A 11 -0.93 -23.36 -27.55
N SER A 12 0.19 -22.89 -28.09
CA SER A 12 1.16 -23.75 -28.75
C SER A 12 1.76 -24.77 -27.78
N GLY A 13 1.79 -24.41 -26.50
CA GLY A 13 2.38 -25.25 -25.48
C GLY A 13 3.76 -24.78 -25.08
N LEU A 14 4.05 -23.51 -25.34
CA LEU A 14 5.33 -22.90 -24.97
C LEU A 14 5.23 -22.26 -23.58
N LEU A 15 6.37 -22.09 -22.94
CA LEU A 15 6.41 -21.45 -21.63
C LEU A 15 6.55 -19.94 -21.75
N GLN A 16 5.51 -19.28 -22.22
CA GLN A 16 5.48 -17.83 -22.30
C GLN A 16 4.17 -17.28 -21.76
N PHE A 17 4.11 -15.96 -21.64
CA PHE A 17 2.84 -15.28 -21.49
C PHE A 17 2.46 -14.78 -22.87
N GLU A 18 1.18 -14.83 -23.21
CA GLU A 18 0.75 -14.33 -24.51
C GLU A 18 -0.57 -13.56 -24.39
N PRO A 19 -0.58 -12.32 -24.90
CA PRO A 19 0.58 -11.60 -25.44
C PRO A 19 1.62 -11.28 -24.38
N ALA A 20 2.91 -11.43 -24.72
CA ALA A 20 3.99 -11.20 -23.78
C ALA A 20 4.10 -9.74 -23.38
N ASN A 21 4.26 -8.87 -24.37
CA ASN A 21 4.32 -7.44 -24.13
C ASN A 21 2.96 -6.79 -24.37
N VAL A 22 2.57 -5.90 -23.46
CA VAL A 22 1.26 -5.26 -23.54
C VAL A 22 1.38 -3.75 -23.40
N THR A 23 0.41 -3.03 -23.96
CA THR A 23 0.36 -1.58 -23.83
C THR A 23 -1.03 -1.14 -23.40
N VAL A 24 -1.13 -0.56 -22.21
CA VAL A 24 -2.42 -0.18 -21.64
C VAL A 24 -2.47 1.30 -21.25
N HIS A 25 -3.69 1.84 -21.20
CA HIS A 25 -3.90 3.18 -20.69
C HIS A 25 -4.37 3.07 -19.26
N PRO A 26 -4.11 4.11 -18.45
CA PRO A 26 -4.62 4.17 -17.07
C PRO A 26 -6.13 3.95 -16.97
N GLY A 27 -6.54 3.03 -16.10
CA GLY A 27 -7.94 2.68 -15.95
C GLY A 27 -8.27 1.30 -16.50
N ASP A 28 -7.33 0.72 -17.24
CA ASP A 28 -7.54 -0.57 -17.88
C ASP A 28 -7.34 -1.73 -16.90
N THR A 29 -7.84 -2.90 -17.30
CA THR A 29 -7.74 -4.11 -16.50
C THR A 29 -6.90 -5.17 -17.20
N VAL A 30 -6.03 -5.83 -16.44
CA VAL A 30 -5.27 -6.96 -16.94
C VAL A 30 -5.67 -8.21 -16.17
N LYS A 31 -5.88 -9.30 -16.90
CA LYS A 31 -6.41 -10.53 -16.33
C LYS A 31 -5.59 -11.71 -16.83
N TRP A 32 -4.81 -12.31 -15.94
CA TRP A 32 -4.05 -13.51 -16.27
C TRP A 32 -4.88 -14.75 -16.01
N VAL A 33 -4.94 -15.64 -17.00
CA VAL A 33 -5.67 -16.90 -16.87
C VAL A 33 -4.72 -18.07 -16.96
N ASN A 34 -4.87 -19.04 -16.06
CA ASN A 34 -4.05 -20.23 -16.09
C ASN A 34 -4.42 -21.09 -17.29
N ASN A 35 -3.46 -21.29 -18.19
CA ASN A 35 -3.74 -21.97 -19.45
C ASN A 35 -2.97 -23.28 -19.56
N LYS A 36 -1.83 -23.25 -20.26
CA LYS A 36 -1.08 -24.46 -20.55
C LYS A 36 0.10 -24.66 -19.59
N LEU A 37 0.40 -25.93 -19.32
CA LEU A 37 1.57 -26.34 -18.53
C LEU A 37 1.75 -25.64 -17.18
N PRO A 38 0.71 -25.65 -16.32
CA PRO A 38 0.86 -25.10 -14.97
C PRO A 38 1.87 -25.90 -14.14
N PRO A 39 2.25 -25.42 -12.94
CA PRO A 39 1.81 -24.22 -12.22
C PRO A 39 2.56 -22.95 -12.61
N HIS A 40 1.88 -21.81 -12.51
CA HIS A 40 2.52 -20.53 -12.74
C HIS A 40 2.29 -19.58 -11.56
N ASN A 41 3.08 -18.51 -11.54
CA ASN A 41 2.85 -17.39 -10.65
C ASN A 41 3.30 -16.10 -11.32
N ILE A 42 3.07 -14.97 -10.66
CA ILE A 42 3.43 -13.68 -11.25
C ILE A 42 4.28 -12.86 -10.30
N LEU A 43 5.52 -12.59 -10.71
CA LEU A 43 6.44 -11.84 -9.87
C LEU A 43 7.01 -10.62 -10.61
N PHE A 44 6.97 -9.48 -9.93
CA PHE A 44 7.72 -8.31 -10.38
C PHE A 44 8.90 -8.13 -9.43
N ASP A 45 10.06 -7.75 -9.96
CA ASP A 45 11.26 -7.60 -9.16
C ASP A 45 11.31 -6.19 -8.59
N CYS A 46 12.02 -6.01 -7.47
CA CYS A 46 12.29 -4.71 -6.87
C CYS A 46 12.49 -3.63 -7.92
N LYS A 47 13.36 -3.92 -8.86
CA LYS A 47 13.95 -2.90 -9.70
C LYS A 47 13.65 -3.19 -11.15
N GLN A 48 12.40 -3.53 -11.42
CA GLN A 48 11.90 -3.74 -12.78
C GLN A 48 10.72 -2.82 -12.99
N VAL A 49 10.12 -2.40 -11.88
CA VAL A 49 8.99 -1.49 -11.90
C VAL A 49 9.50 -0.06 -11.91
N PRO A 50 8.63 0.90 -12.28
CA PRO A 50 8.97 2.32 -12.18
C PRO A 50 9.47 2.74 -10.80
N GLY A 51 10.64 3.38 -10.77
CA GLY A 51 11.19 3.88 -9.53
C GLY A 51 11.81 2.82 -8.65
N ALA A 52 11.80 1.57 -9.12
CA ALA A 52 12.36 0.45 -8.38
C ALA A 52 11.76 0.31 -6.98
N SER A 53 10.49 0.67 -6.84
CA SER A 53 9.82 0.62 -5.53
C SER A 53 9.50 -0.81 -5.11
N LYS A 54 10.20 -1.28 -4.09
CA LYS A 54 10.03 -2.63 -3.57
C LYS A 54 8.59 -2.89 -3.13
N GLU A 55 8.03 -1.92 -2.42
CA GLU A 55 6.67 -2.03 -1.90
C GLU A 55 5.66 -2.16 -3.05
N LEU A 56 5.92 -1.48 -4.15
CA LEU A 56 5.07 -1.57 -5.35
C LEU A 56 5.08 -2.97 -5.92
N ALA A 57 6.27 -3.43 -6.29
CA ALA A 57 6.48 -4.80 -6.77
C ALA A 57 5.76 -5.82 -5.91
N ASP A 58 5.90 -5.69 -4.59
CA ASP A 58 5.28 -6.63 -3.68
C ASP A 58 3.76 -6.45 -3.59
N LYS A 59 3.30 -5.24 -3.89
CA LYS A 59 1.86 -4.97 -3.91
C LYS A 59 1.19 -5.59 -5.13
N LEU A 60 1.93 -5.72 -6.23
CA LEU A 60 1.36 -6.25 -7.46
C LEU A 60 1.56 -7.76 -7.61
N SER A 61 2.74 -8.23 -7.23
CA SER A 61 3.09 -9.64 -7.42
C SER A 61 2.14 -10.59 -6.72
N HIS A 62 1.68 -11.60 -7.46
CA HIS A 62 0.94 -12.70 -6.87
C HIS A 62 1.90 -13.87 -6.68
N SER A 63 2.66 -13.80 -5.60
CA SER A 63 3.75 -14.75 -5.34
C SER A 63 3.28 -16.20 -5.23
N GLN A 64 1.98 -16.37 -5.01
CA GLN A 64 1.43 -17.69 -4.77
C GLN A 64 1.18 -18.42 -6.08
N LEU A 65 1.47 -19.71 -6.09
CA LEU A 65 1.34 -20.52 -7.30
C LEU A 65 -0.11 -20.84 -7.62
N MET A 66 -0.42 -20.86 -8.92
CA MET A 66 -1.77 -21.17 -9.38
C MET A 66 -1.76 -22.45 -10.20
N PHE A 67 -2.73 -23.32 -9.95
CA PHE A 67 -2.65 -24.71 -10.41
C PHE A 67 -3.80 -25.16 -11.31
N SER A 68 -5.04 -24.84 -10.92
CA SER A 68 -6.19 -25.26 -11.70
C SER A 68 -6.36 -24.38 -12.94
N PRO A 69 -6.90 -24.94 -14.02
CA PRO A 69 -7.16 -24.12 -15.21
C PRO A 69 -8.35 -23.20 -15.00
N GLY A 70 -8.35 -22.06 -15.66
CA GLY A 70 -9.40 -21.06 -15.48
C GLY A 70 -9.16 -20.21 -14.25
N GLU A 71 -8.21 -20.62 -13.41
CA GLU A 71 -7.81 -19.83 -12.25
C GLU A 71 -7.17 -18.54 -12.73
N SER A 72 -7.62 -17.41 -12.20
CA SER A 72 -7.23 -16.13 -12.76
C SER A 72 -6.80 -15.11 -11.71
N TYR A 73 -5.95 -14.17 -12.14
CA TYR A 73 -5.49 -13.08 -11.29
C TYR A 73 -5.64 -11.75 -12.01
N GLU A 74 -6.21 -10.76 -11.33
CA GLU A 74 -6.55 -9.50 -11.97
C GLU A 74 -5.89 -8.28 -11.32
N ILE A 75 -5.35 -7.40 -12.15
CA ILE A 75 -4.89 -6.10 -11.69
C ILE A 75 -5.53 -4.99 -12.51
N THR A 76 -6.05 -3.97 -11.85
CA THR A 76 -6.57 -2.81 -12.56
C THR A 76 -5.64 -1.63 -12.35
N PHE A 77 -5.11 -1.11 -13.44
CA PHE A 77 -4.17 0.00 -13.34
C PHE A 77 -4.92 1.32 -13.31
N SER A 78 -5.55 1.60 -12.17
CA SER A 78 -6.23 2.86 -11.94
C SER A 78 -5.24 4.01 -11.93
N SER A 79 -5.75 5.23 -11.80
CA SER A 79 -4.92 6.42 -11.75
C SER A 79 -3.85 6.34 -10.66
N ASP A 80 -4.09 5.47 -9.69
CA ASP A 80 -3.20 5.30 -8.54
C ASP A 80 -1.77 4.91 -8.90
N PHE A 81 -1.60 4.33 -10.08
CA PHE A 81 -0.31 3.76 -10.46
C PHE A 81 0.48 4.67 -11.40
N PRO A 82 1.82 4.66 -11.28
CA PRO A 82 2.70 5.47 -12.10
C PRO A 82 2.88 4.91 -13.52
N ALA A 83 3.35 5.74 -14.44
CA ALA A 83 3.59 5.30 -15.82
C ALA A 83 4.97 4.65 -15.94
N GLY A 84 5.18 3.93 -17.04
CA GLY A 84 6.45 3.27 -17.27
C GLY A 84 6.32 1.79 -17.62
N THR A 85 7.38 1.04 -17.38
CA THR A 85 7.43 -0.37 -17.76
C THR A 85 7.52 -1.29 -16.55
N TYR A 86 6.54 -2.18 -16.42
CA TYR A 86 6.53 -3.19 -15.37
C TYR A 86 6.90 -4.53 -15.99
N THR A 87 7.93 -5.17 -15.46
CA THR A 87 8.41 -6.42 -16.02
C THR A 87 8.21 -7.58 -15.05
N TYR A 88 7.59 -8.66 -15.53
CA TYR A 88 7.24 -9.78 -14.67
C TYR A 88 7.65 -11.11 -15.25
N TYR A 89 7.63 -12.14 -14.40
CA TYR A 89 8.11 -13.46 -14.78
C TYR A 89 7.52 -14.57 -13.91
N CYS A 90 7.38 -15.76 -14.49
CA CYS A 90 6.97 -16.95 -13.75
C CYS A 90 8.19 -17.57 -13.07
N ALA A 91 8.10 -17.78 -11.76
CA ALA A 91 9.25 -18.25 -10.99
C ALA A 91 9.69 -19.68 -11.32
N PRO A 92 8.75 -20.66 -11.39
CA PRO A 92 9.19 -21.99 -11.81
C PRO A 92 9.83 -21.99 -13.20
N HIS A 93 9.32 -21.15 -14.10
CA HIS A 93 9.78 -21.15 -15.48
C HIS A 93 10.64 -19.93 -15.79
N ARG A 94 11.34 -19.43 -14.78
CA ARG A 94 12.32 -18.36 -14.97
C ARG A 94 13.41 -18.82 -15.93
N GLY A 95 14.00 -19.97 -15.63
CA GLY A 95 15.03 -20.59 -16.46
C GLY A 95 14.67 -20.64 -17.93
N ALA A 96 13.43 -21.01 -18.24
CA ALA A 96 13.00 -21.14 -19.62
C ALA A 96 12.55 -19.80 -20.19
N GLY A 97 12.77 -18.74 -19.42
CA GLY A 97 12.47 -17.39 -19.87
C GLY A 97 11.00 -17.12 -20.09
N MET A 98 10.15 -17.57 -19.17
CA MET A 98 8.75 -17.18 -19.19
C MET A 98 8.64 -15.77 -18.62
N VAL A 99 8.55 -14.78 -19.50
CA VAL A 99 8.67 -13.38 -19.09
C VAL A 99 7.72 -12.49 -19.89
N GLY A 100 7.20 -11.45 -19.24
CA GLY A 100 6.32 -10.51 -19.91
C GLY A 100 6.55 -9.09 -19.43
N LYS A 101 6.02 -8.13 -20.18
CA LYS A 101 6.20 -6.73 -19.87
C LYS A 101 4.95 -5.93 -20.17
N ILE A 102 4.46 -5.18 -19.19
CA ILE A 102 3.33 -4.30 -19.38
C ILE A 102 3.78 -2.85 -19.32
N THR A 103 3.46 -2.10 -20.37
CA THR A 103 3.79 -0.70 -20.41
C THR A 103 2.53 0.15 -20.19
N VAL A 104 2.62 1.10 -19.26
CA VAL A 104 1.53 2.03 -19.04
C VAL A 104 1.73 3.27 -19.91
N GLU A 105 0.81 3.49 -20.84
CA GLU A 105 0.98 4.54 -21.84
C GLU A 105 0.46 5.88 -21.34
N GLY A 106 1.39 6.83 -21.21
CA GLY A 106 1.09 8.17 -20.72
C GLY A 106 0.20 8.21 -19.49
N MET B 1 -19.76 -1.05 -18.09
CA MET B 1 -18.60 -1.60 -17.41
C MET B 1 -18.03 -0.61 -16.40
N GLU B 2 -18.35 -0.83 -15.12
CA GLU B 2 -17.90 0.06 -14.06
C GLU B 2 -17.00 -0.67 -13.06
N THR B 3 -16.72 -0.01 -11.94
CA THR B 3 -15.91 -0.60 -10.88
C THR B 3 -16.42 -0.20 -9.50
N PHE B 4 -16.97 -1.17 -8.77
CA PHE B 4 -17.48 -0.92 -7.43
C PHE B 4 -16.40 -1.23 -6.39
N THR B 5 -16.29 -0.36 -5.38
CA THR B 5 -15.28 -0.52 -4.36
C THR B 5 -15.88 -0.80 -2.99
N VAL B 6 -15.37 -1.83 -2.32
CA VAL B 6 -15.85 -2.18 -0.98
C VAL B 6 -14.70 -2.15 0.01
N LYS B 7 -14.91 -1.48 1.14
CA LYS B 7 -13.89 -1.35 2.18
C LYS B 7 -14.01 -2.47 3.21
N MET B 8 -12.90 -3.12 3.52
CA MET B 8 -12.90 -4.20 4.51
C MET B 8 -12.67 -3.61 5.90
N GLY B 9 -13.76 -3.23 6.54
CA GLY B 9 -13.68 -2.49 7.79
C GLY B 9 -14.15 -1.06 7.60
N ALA B 10 -15.26 -0.71 8.24
CA ALA B 10 -15.87 0.60 8.07
C ALA B 10 -15.01 1.71 8.69
N ASP B 11 -15.08 2.90 8.09
CA ASP B 11 -14.33 4.06 8.59
C ASP B 11 -14.72 4.38 10.03
N SER B 12 -15.95 4.03 10.39
CA SER B 12 -16.42 4.14 11.75
C SER B 12 -15.60 3.26 12.70
N GLY B 13 -15.06 2.17 12.15
CA GLY B 13 -14.29 1.23 12.94
C GLY B 13 -15.09 -0.01 13.30
N LEU B 14 -16.15 -0.27 12.54
CA LEU B 14 -16.97 -1.45 12.76
C LEU B 14 -16.47 -2.62 11.92
N LEU B 15 -16.83 -3.83 12.33
CA LEU B 15 -16.44 -5.03 11.59
C LEU B 15 -17.47 -5.39 10.52
N GLN B 16 -17.55 -4.57 9.48
CA GLN B 16 -18.41 -4.86 8.35
C GLN B 16 -17.68 -4.64 7.03
N PHE B 17 -18.32 -5.02 5.94
CA PHE B 17 -17.93 -4.57 4.62
C PHE B 17 -18.83 -3.39 4.27
N GLU B 18 -18.28 -2.38 3.61
CA GLU B 18 -19.11 -1.24 3.22
C GLU B 18 -18.78 -0.76 1.82
N PRO B 19 -19.82 -0.66 0.95
CA PRO B 19 -21.20 -1.09 1.22
C PRO B 19 -21.34 -2.60 1.39
N ALA B 20 -22.17 -3.02 2.35
CA ALA B 20 -22.33 -4.44 2.65
C ALA B 20 -23.01 -5.17 1.50
N ASN B 21 -24.21 -4.72 1.14
CA ASN B 21 -24.92 -5.29 0.02
C ASN B 21 -24.69 -4.47 -1.26
N VAL B 22 -24.45 -5.17 -2.36
CA VAL B 22 -24.14 -4.52 -3.63
C VAL B 22 -25.00 -5.09 -4.75
N THR B 23 -25.20 -4.30 -5.79
CA THR B 23 -25.93 -4.74 -6.98
C THR B 23 -25.12 -4.42 -8.21
N VAL B 24 -24.71 -5.46 -8.93
CA VAL B 24 -23.83 -5.27 -10.09
C VAL B 24 -24.41 -5.88 -11.36
N HIS B 25 -23.98 -5.33 -12.49
CA HIS B 25 -24.37 -5.85 -13.79
C HIS B 25 -23.25 -6.69 -14.38
N PRO B 26 -23.60 -7.65 -15.26
CA PRO B 26 -22.58 -8.43 -15.96
C PRO B 26 -21.54 -7.54 -16.65
N GLY B 27 -20.26 -7.79 -16.37
CA GLY B 27 -19.19 -6.99 -16.93
C GLY B 27 -18.53 -6.06 -15.93
N ASP B 28 -19.16 -5.89 -14.78
CA ASP B 28 -18.67 -4.96 -13.76
C ASP B 28 -17.53 -5.56 -12.92
N THR B 29 -16.81 -4.68 -12.23
CA THR B 29 -15.68 -5.08 -11.40
C THR B 29 -15.93 -4.75 -9.93
N VAL B 30 -15.59 -5.69 -9.04
CA VAL B 30 -15.63 -5.44 -7.60
C VAL B 30 -14.22 -5.52 -7.02
N LYS B 31 -13.90 -4.56 -6.16
CA LYS B 31 -12.55 -4.44 -5.62
C LYS B 31 -12.59 -4.21 -4.12
N TRP B 32 -12.15 -5.21 -3.36
CA TRP B 32 -12.07 -5.08 -1.92
C TRP B 32 -10.74 -4.51 -1.50
N VAL B 33 -10.77 -3.48 -0.66
CA VAL B 33 -9.56 -2.86 -0.15
C VAL B 33 -9.47 -3.05 1.36
N ASN B 34 -8.29 -3.42 1.84
CA ASN B 34 -8.06 -3.56 3.28
C ASN B 34 -8.05 -2.21 3.96
N ASN B 35 -9.00 -2.01 4.87
CA ASN B 35 -9.19 -0.71 5.49
C ASN B 35 -8.92 -0.74 7.00
N LYS B 36 -9.98 -0.86 7.78
CA LYS B 36 -9.87 -0.78 9.24
C LYS B 36 -9.84 -2.17 9.88
N LEU B 37 -9.12 -2.25 10.99
CA LEU B 37 -9.06 -3.44 11.84
C LEU B 37 -8.76 -4.76 11.13
N PRO B 38 -7.67 -4.82 10.35
CA PRO B 38 -7.27 -6.09 9.72
C PRO B 38 -6.89 -7.13 10.79
N PRO B 39 -6.67 -8.39 10.40
CA PRO B 39 -6.68 -8.99 9.05
C PRO B 39 -8.07 -9.42 8.60
N HIS B 40 -8.31 -9.38 7.29
CA HIS B 40 -9.54 -9.88 6.72
C HIS B 40 -9.26 -10.89 5.62
N ASN B 41 -10.28 -11.64 5.25
CA ASN B 41 -10.26 -12.47 4.06
C ASN B 41 -11.66 -12.55 3.48
N ILE B 42 -11.79 -13.20 2.32
CA ILE B 42 -13.08 -13.28 1.65
C ILE B 42 -13.45 -14.71 1.35
N LEU B 43 -14.53 -15.18 1.98
CA LEU B 43 -14.98 -16.54 1.81
C LEU B 43 -16.43 -16.64 1.37
N PHE B 44 -16.68 -17.43 0.34
CA PHE B 44 -18.03 -17.85 0.00
C PHE B 44 -18.17 -19.31 0.39
N ASP B 45 -19.33 -19.67 0.94
CA ASP B 45 -19.54 -21.04 1.40
C ASP B 45 -20.08 -21.89 0.26
N CYS B 46 -19.89 -23.21 0.39
CA CYS B 46 -20.41 -24.19 -0.57
C CYS B 46 -21.74 -23.83 -1.18
N LYS B 47 -22.70 -23.54 -0.32
CA LYS B 47 -24.10 -23.55 -0.71
C LYS B 47 -24.82 -22.23 -0.41
N GLN B 48 -24.19 -21.11 -0.77
CA GLN B 48 -24.84 -19.82 -0.65
C GLN B 48 -24.81 -19.11 -2.00
N VAL B 49 -23.93 -19.59 -2.87
CA VAL B 49 -23.79 -19.03 -4.21
C VAL B 49 -24.81 -19.70 -5.12
N PRO B 50 -25.09 -19.11 -6.31
CA PRO B 50 -25.98 -19.76 -7.27
C PRO B 50 -25.63 -21.22 -7.54
N GLY B 51 -26.61 -22.10 -7.36
CA GLY B 51 -26.44 -23.51 -7.63
C GLY B 51 -25.64 -24.28 -6.58
N ALA B 52 -25.21 -23.58 -5.54
CA ALA B 52 -24.43 -24.20 -4.46
C ALA B 52 -23.18 -24.88 -5.01
N SER B 53 -22.61 -24.33 -6.08
CA SER B 53 -21.44 -24.91 -6.71
C SER B 53 -20.19 -24.67 -5.88
N LYS B 54 -19.68 -25.73 -5.29
CA LYS B 54 -18.48 -25.68 -4.47
C LYS B 54 -17.31 -25.12 -5.27
N GLU B 55 -17.20 -25.59 -6.52
CA GLU B 55 -16.13 -25.15 -7.40
C GLU B 55 -16.19 -23.65 -7.65
N LEU B 56 -17.40 -23.12 -7.75
CA LEU B 56 -17.60 -21.69 -7.94
C LEU B 56 -17.10 -20.90 -6.73
N ALA B 57 -17.69 -21.20 -5.57
CA ALA B 57 -17.30 -20.61 -4.29
C ALA B 57 -15.78 -20.60 -4.10
N ASP B 58 -15.14 -21.73 -4.36
CA ASP B 58 -13.69 -21.84 -4.19
C ASP B 58 -12.94 -21.11 -5.30
N LYS B 59 -13.58 -20.93 -6.45
CA LYS B 59 -12.98 -20.17 -7.54
C LYS B 59 -12.97 -18.67 -7.24
N LEU B 60 -13.95 -18.21 -6.46
CA LEU B 60 -14.06 -16.79 -6.14
C LEU B 60 -13.37 -16.39 -4.84
N SER B 61 -13.54 -17.25 -3.83
CA SER B 61 -13.04 -16.96 -2.48
C SER B 61 -11.53 -16.73 -2.42
N HIS B 62 -11.14 -15.65 -1.76
CA HIS B 62 -9.74 -15.41 -1.45
C HIS B 62 -9.47 -15.84 -0.01
N SER B 63 -9.28 -17.14 0.18
CA SER B 63 -9.15 -17.74 1.51
C SER B 63 -7.97 -17.17 2.28
N GLN B 64 -7.08 -16.50 1.57
CA GLN B 64 -5.83 -16.03 2.13
C GLN B 64 -6.04 -14.74 2.90
N LEU B 65 -5.39 -14.62 4.05
CA LEU B 65 -5.55 -13.44 4.89
C LEU B 65 -4.78 -12.25 4.36
N MET B 66 -5.37 -11.08 4.49
CA MET B 66 -4.75 -9.84 4.04
C MET B 66 -4.50 -8.91 5.22
N PHE B 67 -3.32 -8.30 5.26
CA PHE B 67 -2.84 -7.68 6.50
C PHE B 67 -2.51 -6.20 6.34
N SER B 68 -1.78 -5.85 5.28
CA SER B 68 -1.38 -4.47 5.08
C SER B 68 -2.54 -3.64 4.50
N PRO B 69 -2.56 -2.33 4.80
CA PRO B 69 -3.59 -1.46 4.24
C PRO B 69 -3.31 -1.16 2.77
N GLY B 70 -4.37 -0.94 1.99
CA GLY B 70 -4.25 -0.75 0.55
C GLY B 70 -4.14 -2.05 -0.20
N GLU B 71 -3.95 -3.15 0.52
CA GLU B 71 -3.94 -4.49 -0.09
C GLU B 71 -5.33 -4.80 -0.62
N SER B 72 -5.40 -5.21 -1.88
CA SER B 72 -6.69 -5.31 -2.56
C SER B 72 -6.91 -6.62 -3.30
N TYR B 73 -8.18 -7.00 -3.44
CA TYR B 73 -8.57 -8.20 -4.19
C TYR B 73 -9.70 -7.88 -5.16
N GLU B 74 -9.56 -8.31 -6.41
CA GLU B 74 -10.50 -7.94 -7.45
C GLU B 74 -11.18 -9.12 -8.13
N ILE B 75 -12.49 -9.02 -8.31
CA ILE B 75 -13.24 -9.97 -9.13
C ILE B 75 -14.02 -9.24 -10.21
N THR B 76 -13.94 -9.72 -11.46
CA THR B 76 -14.77 -9.15 -12.52
C THR B 76 -15.88 -10.12 -12.91
N PHE B 77 -17.12 -9.67 -12.76
CA PHE B 77 -18.26 -10.50 -13.09
C PHE B 77 -18.64 -10.33 -14.56
N SER B 78 -17.84 -10.91 -15.45
CA SER B 78 -18.14 -10.90 -16.87
C SER B 78 -19.41 -11.69 -17.15
N SER B 79 -19.84 -11.69 -18.41
CA SER B 79 -21.02 -12.43 -18.84
C SER B 79 -20.91 -13.92 -18.47
N ASP B 80 -19.68 -14.35 -18.23
CA ASP B 80 -19.37 -15.74 -17.89
C ASP B 80 -20.08 -16.26 -16.63
N PHE B 81 -20.49 -15.35 -15.75
CA PHE B 81 -21.02 -15.75 -14.44
C PHE B 81 -22.53 -15.76 -14.39
N PRO B 82 -23.11 -16.67 -13.58
CA PRO B 82 -24.56 -16.80 -13.45
C PRO B 82 -25.17 -15.70 -12.59
N ALA B 83 -26.48 -15.50 -12.72
CA ALA B 83 -27.18 -14.49 -11.93
C ALA B 83 -27.57 -15.04 -10.56
N GLY B 84 -27.90 -14.12 -9.65
CA GLY B 84 -28.32 -14.49 -8.31
C GLY B 84 -27.57 -13.77 -7.20
N THR B 85 -27.57 -14.36 -6.02
CA THR B 85 -26.97 -13.73 -4.85
C THR B 85 -25.78 -14.50 -4.31
N TYR B 86 -24.64 -13.83 -4.28
CA TYR B 86 -23.43 -14.39 -3.71
C TYR B 86 -23.19 -13.76 -2.34
N THR B 87 -23.11 -14.57 -1.30
CA THR B 87 -22.95 -14.03 0.06
C THR B 87 -21.62 -14.47 0.66
N TYR B 88 -20.89 -13.50 1.20
CA TYR B 88 -19.52 -13.73 1.68
C TYR B 88 -19.29 -13.18 3.09
N TYR B 89 -18.19 -13.60 3.69
CA TYR B 89 -17.89 -13.26 5.08
C TYR B 89 -16.41 -13.33 5.41
N CYS B 90 -15.98 -12.50 6.37
CA CYS B 90 -14.63 -12.54 6.92
C CYS B 90 -14.52 -13.63 7.99
N ALA B 91 -13.55 -14.53 7.82
CA ALA B 91 -13.42 -15.69 8.71
C ALA B 91 -13.03 -15.33 10.15
N PRO B 92 -12.00 -14.46 10.34
CA PRO B 92 -11.71 -14.04 11.71
C PRO B 92 -12.89 -13.34 12.39
N HIS B 93 -13.66 -12.58 11.62
CA HIS B 93 -14.75 -11.79 12.17
C HIS B 93 -16.13 -12.35 11.82
N ARG B 94 -16.20 -13.66 11.65
CA ARG B 94 -17.47 -14.35 11.47
C ARG B 94 -18.36 -14.14 12.68
N GLY B 95 -17.82 -14.43 13.86
CA GLY B 95 -18.51 -14.22 15.12
C GLY B 95 -19.19 -12.88 15.28
N ALA B 96 -18.50 -11.82 14.87
CA ALA B 96 -19.04 -10.46 14.98
C ALA B 96 -19.92 -10.12 13.78
N GLY B 97 -20.18 -11.11 12.93
CA GLY B 97 -21.07 -10.94 11.81
C GLY B 97 -20.58 -9.99 10.75
N MET B 98 -19.30 -10.09 10.38
CA MET B 98 -18.78 -9.35 9.24
C MET B 98 -19.21 -10.08 7.96
N VAL B 99 -20.24 -9.57 7.31
CA VAL B 99 -20.89 -10.28 6.20
C VAL B 99 -21.35 -9.31 5.12
N GLY B 100 -21.28 -9.74 3.87
CA GLY B 100 -21.74 -8.93 2.76
C GLY B 100 -22.40 -9.77 1.68
N LYS B 101 -23.12 -9.10 0.77
CA LYS B 101 -23.83 -9.81 -0.28
C LYS B 101 -23.81 -9.04 -1.60
N ILE B 102 -23.39 -9.72 -2.66
CA ILE B 102 -23.41 -9.13 -4.00
C ILE B 102 -24.48 -9.80 -4.86
N THR B 103 -25.37 -9.00 -5.40
CA THR B 103 -26.41 -9.52 -6.28
C THR B 103 -26.08 -9.18 -7.74
N VAL B 104 -26.10 -10.18 -8.60
CA VAL B 104 -25.90 -9.95 -10.02
C VAL B 104 -27.25 -9.69 -10.69
N GLU B 105 -27.41 -8.48 -11.23
CA GLU B 105 -28.70 -8.03 -11.76
C GLU B 105 -28.90 -8.41 -13.22
N GLY B 106 -29.88 -9.27 -13.46
CA GLY B 106 -30.18 -9.79 -14.79
C GLY B 106 -28.98 -10.23 -15.60
N MET C 1 -4.47 9.53 22.11
CA MET C 1 -3.54 9.75 21.00
C MET C 1 -2.30 10.50 21.46
N GLU C 2 -1.22 9.75 21.67
CA GLU C 2 0.05 10.34 22.10
C GLU C 2 1.16 10.08 21.09
N THR C 3 2.39 10.34 21.49
CA THR C 3 3.54 10.14 20.61
C THR C 3 4.76 9.59 21.35
N PHE C 4 5.13 8.36 20.99
CA PHE C 4 6.28 7.70 21.61
C PHE C 4 7.55 8.01 20.82
N THR C 5 8.64 8.28 21.53
CA THR C 5 9.90 8.61 20.89
C THR C 5 10.98 7.56 21.17
N VAL C 6 11.65 7.12 20.10
CA VAL C 6 12.72 6.14 20.22
C VAL C 6 14.01 6.70 19.63
N LYS C 7 15.11 6.58 20.39
CA LYS C 7 16.41 7.09 19.96
C LYS C 7 17.21 6.01 19.25
N MET C 8 17.74 6.35 18.08
CA MET C 8 18.55 5.41 17.31
C MET C 8 20.00 5.49 17.74
N GLY C 9 20.35 4.69 18.74
CA GLY C 9 21.65 4.78 19.39
C GLY C 9 21.48 5.33 20.79
N ALA C 10 21.79 4.52 21.78
CA ALA C 10 21.59 4.90 23.18
C ALA C 10 22.54 6.01 23.60
N ASP C 11 22.08 6.84 24.55
CA ASP C 11 22.88 7.95 25.07
C ASP C 11 24.17 7.43 25.70
N SER C 12 24.12 6.19 26.19
CA SER C 12 25.30 5.50 26.68
C SER C 12 26.35 5.32 25.58
N GLY C 13 25.89 5.25 24.33
CA GLY C 13 26.78 5.02 23.21
C GLY C 13 26.74 3.58 22.74
N LEU C 14 25.66 2.87 23.09
CA LEU C 14 25.47 1.50 22.65
C LEU C 14 24.70 1.44 21.35
N LEU C 15 24.84 0.32 20.62
CA LEU C 15 24.12 0.13 19.38
C LEU C 15 22.76 -0.52 19.63
N GLN C 16 21.84 0.23 20.23
CA GLN C 16 20.48 -0.23 20.43
C GLN C 16 19.47 0.84 20.04
N PHE C 17 18.20 0.45 20.03
CA PHE C 17 17.11 1.42 20.03
C PHE C 17 16.66 1.54 21.48
N GLU C 18 16.31 2.74 21.91
CA GLU C 18 15.82 2.91 23.27
C GLU C 18 14.64 3.88 23.33
N PRO C 19 13.53 3.44 23.93
CA PRO C 19 13.31 2.08 24.44
C PRO C 19 13.26 1.04 23.33
N ALA C 20 13.87 -0.13 23.56
CA ALA C 20 13.95 -1.18 22.55
C ALA C 20 12.57 -1.75 22.27
N ASN C 21 11.93 -2.28 23.32
CA ASN C 21 10.58 -2.81 23.19
C ASN C 21 9.53 -1.77 23.59
N VAL C 22 8.48 -1.66 22.78
CA VAL C 22 7.45 -0.65 23.01
C VAL C 22 6.06 -1.27 22.95
N THR C 23 5.10 -0.64 23.62
CA THR C 23 3.72 -1.07 23.60
C THR C 23 2.82 0.11 23.26
N VAL C 24 2.14 0.03 22.13
CA VAL C 24 1.32 1.14 21.67
C VAL C 24 -0.12 0.74 21.43
N HIS C 25 -1.01 1.71 21.51
CA HIS C 25 -2.42 1.51 21.20
C HIS C 25 -2.72 2.03 19.81
N PRO C 26 -3.77 1.50 19.17
CA PRO C 26 -4.22 2.01 17.87
C PRO C 26 -4.47 3.52 17.90
N GLY C 27 -3.85 4.25 16.97
CA GLY C 27 -3.96 5.70 16.94
C GLY C 27 -2.71 6.43 17.38
N ASP C 28 -1.77 5.69 17.98
CA ASP C 28 -0.54 6.30 18.50
C ASP C 28 0.50 6.52 17.41
N THR C 29 1.47 7.39 17.70
CA THR C 29 2.54 7.71 16.77
C THR C 29 3.90 7.31 17.33
N VAL C 30 4.74 6.74 16.47
CA VAL C 30 6.12 6.41 16.83
C VAL C 30 7.08 7.25 16.00
N LYS C 31 8.10 7.79 16.67
CA LYS C 31 9.03 8.72 16.06
C LYS C 31 10.47 8.36 16.39
N TRP C 32 11.20 7.87 15.39
CA TRP C 32 12.61 7.56 15.56
C TRP C 32 13.46 8.77 15.27
N VAL C 33 14.37 9.08 16.20
CA VAL C 33 15.30 10.20 16.02
C VAL C 33 16.73 9.68 15.95
N ASN C 34 17.50 10.20 15.00
CA ASN C 34 18.90 9.82 14.87
C ASN C 34 19.72 10.39 16.02
N ASN C 35 20.31 9.49 16.81
CA ASN C 35 21.01 9.91 18.02
C ASN C 35 22.51 9.59 17.97
N LYS C 36 22.91 8.48 18.57
CA LYS C 36 24.33 8.17 18.70
C LYS C 36 24.82 7.19 17.63
N LEU C 37 26.07 7.37 17.24
CA LEU C 37 26.78 6.48 16.31
C LEU C 37 26.07 6.16 15.00
N PRO C 38 25.62 7.19 14.26
CA PRO C 38 25.02 6.94 12.94
C PRO C 38 26.02 6.34 11.95
N PRO C 39 25.57 5.89 10.77
CA PRO C 39 24.21 5.92 10.19
C PRO C 39 23.33 4.76 10.61
N HIS C 40 22.03 4.99 10.66
CA HIS C 40 21.06 3.94 10.92
C HIS C 40 19.98 3.90 9.85
N ASN C 41 19.24 2.79 9.83
CA ASN C 41 18.02 2.69 9.05
C ASN C 41 17.04 1.79 9.78
N ILE C 42 15.83 1.66 9.24
CA ILE C 42 14.81 0.86 9.89
C ILE C 42 14.24 -0.18 8.94
N LEU C 43 14.44 -1.46 9.26
CA LEU C 43 13.97 -2.55 8.43
C LEU C 43 13.13 -3.54 9.21
N PHE C 44 11.97 -3.88 8.65
CA PHE C 44 11.19 -5.02 9.13
C PHE C 44 11.34 -6.14 8.12
N ASP C 45 11.43 -7.37 8.60
CA ASP C 45 11.64 -8.48 7.69
C ASP C 45 10.32 -9.01 7.16
N CYS C 46 10.37 -9.67 6.00
CA CYS C 46 9.22 -10.36 5.40
C CYS C 46 8.30 -10.93 6.45
N LYS C 47 8.89 -11.70 7.36
CA LYS C 47 8.16 -12.62 8.21
C LYS C 47 8.45 -12.33 9.67
N GLN C 48 8.38 -11.05 10.04
CA GLN C 48 8.53 -10.62 11.42
C GLN C 48 7.28 -9.85 11.84
N VAL C 49 6.56 -9.36 10.83
CA VAL C 49 5.34 -8.61 11.05
C VAL C 49 4.16 -9.58 11.13
N PRO C 50 3.02 -9.12 11.66
CA PRO C 50 1.80 -9.95 11.66
C PRO C 50 1.46 -10.50 10.28
N GLY C 51 1.27 -11.80 10.19
CA GLY C 51 0.89 -12.44 8.95
C GLY C 51 2.03 -12.60 7.94
N ALA C 52 3.21 -12.15 8.33
CA ALA C 52 4.40 -12.25 7.47
C ALA C 52 4.17 -11.57 6.12
N SER C 53 3.36 -10.50 6.12
CA SER C 53 3.03 -9.80 4.89
C SER C 53 4.21 -8.95 4.40
N LYS C 54 4.81 -9.40 3.29
CA LYS C 54 5.96 -8.74 2.70
C LYS C 54 5.65 -7.29 2.36
N GLU C 55 4.46 -7.07 1.78
CA GLU C 55 4.01 -5.75 1.39
C GLU C 55 3.92 -4.80 2.59
N LEU C 56 3.50 -5.34 3.73
CA LEU C 56 3.41 -4.58 4.97
C LEU C 56 4.79 -4.11 5.43
N ALA C 57 5.67 -5.09 5.66
CA ALA C 57 7.06 -4.84 6.03
C ALA C 57 7.71 -3.78 5.16
N ASP C 58 7.56 -3.92 3.84
CA ASP C 58 8.16 -2.96 2.92
C ASP C 58 7.43 -1.63 2.90
N LYS C 59 6.17 -1.63 3.31
CA LYS C 59 5.40 -0.39 3.41
C LYS C 59 5.84 0.42 4.63
N LEU C 60 6.33 -0.26 5.66
CA LEU C 60 6.73 0.41 6.89
C LEU C 60 8.21 0.77 6.91
N SER C 61 9.03 -0.16 6.42
CA SER C 61 10.48 -0.01 6.46
C SER C 61 11.02 1.24 5.75
N HIS C 62 11.90 1.96 6.44
CA HIS C 62 12.63 3.07 5.85
C HIS C 62 14.02 2.60 5.43
N SER C 63 14.09 1.98 4.26
CA SER C 63 15.31 1.34 3.78
C SER C 63 16.49 2.29 3.63
N GLN C 64 16.22 3.60 3.56
CA GLN C 64 17.28 4.57 3.32
C GLN C 64 18.00 4.90 4.62
N LEU C 65 19.32 5.02 4.52
CA LEU C 65 20.15 5.29 5.69
C LEU C 65 20.02 6.75 6.10
N MET C 66 20.06 6.99 7.41
CA MET C 66 19.94 8.34 7.94
C MET C 66 21.23 8.75 8.64
N PHE C 67 21.68 9.98 8.40
CA PHE C 67 23.04 10.38 8.71
C PHE C 67 23.14 11.58 9.65
N SER C 68 22.38 12.63 9.36
CA SER C 68 22.45 13.85 10.17
C SER C 68 21.70 13.66 11.49
N PRO C 69 22.11 14.38 12.53
CA PRO C 69 21.41 14.32 13.80
C PRO C 69 20.09 15.07 13.75
N GLY C 70 19.11 14.64 14.53
CA GLY C 70 17.80 15.25 14.50
C GLY C 70 16.95 14.74 13.34
N GLU C 71 17.57 14.02 12.42
CA GLU C 71 16.85 13.41 11.31
C GLU C 71 15.92 12.35 11.88
N SER C 72 14.65 12.41 11.48
CA SER C 72 13.63 11.60 12.12
C SER C 72 12.70 10.89 11.14
N TYR C 73 12.14 9.77 11.58
CA TYR C 73 11.18 9.02 10.77
C TYR C 73 9.95 8.68 11.61
N GLU C 74 8.77 8.92 11.07
CA GLU C 74 7.53 8.77 11.83
C GLU C 74 6.57 7.76 11.22
N ILE C 75 6.03 6.88 12.05
CA ILE C 75 4.94 6.01 11.64
C ILE C 75 3.76 6.19 12.58
N THR C 76 2.56 6.37 12.04
CA THR C 76 1.37 6.45 12.87
C THR C 76 0.55 5.19 12.72
N PHE C 77 0.37 4.46 13.83
CA PHE C 77 -0.37 3.22 13.82
C PHE C 77 -1.85 3.44 14.03
N SER C 78 -2.51 3.96 13.00
CA SER C 78 -3.96 4.14 13.04
C SER C 78 -4.66 2.77 13.10
N SER C 79 -5.99 2.81 13.21
CA SER C 79 -6.80 1.59 13.23
C SER C 79 -6.54 0.70 12.01
N ASP C 80 -5.96 1.30 10.96
CA ASP C 80 -5.68 0.64 9.69
C ASP C 80 -4.77 -0.58 9.83
N PHE C 81 -4.01 -0.64 10.91
CA PHE C 81 -2.98 -1.66 11.07
C PHE C 81 -3.43 -2.79 11.98
N PRO C 82 -2.96 -4.02 11.69
CA PRO C 82 -3.33 -5.20 12.48
C PRO C 82 -2.59 -5.25 13.82
N ALA C 83 -3.10 -6.04 14.76
CA ALA C 83 -2.46 -6.18 16.06
C ALA C 83 -1.35 -7.22 16.02
N GLY C 84 -0.49 -7.20 17.03
CA GLY C 84 0.61 -8.15 17.12
C GLY C 84 1.97 -7.53 17.35
N THR C 85 3.02 -8.26 16.97
CA THR C 85 4.39 -7.82 17.23
C THR C 85 5.16 -7.55 15.94
N TYR C 86 5.64 -6.32 15.81
CA TYR C 86 6.47 -5.92 14.67
C TYR C 86 7.92 -5.83 15.13
N THR C 87 8.80 -6.55 14.45
CA THR C 87 10.20 -6.59 14.87
C THR C 87 11.12 -5.96 13.80
N TYR C 88 11.97 -5.04 14.24
CA TYR C 88 12.81 -4.28 13.31
C TYR C 88 14.27 -4.24 13.76
N TYR C 89 15.14 -3.82 12.84
CA TYR C 89 16.58 -3.84 13.07
C TYR C 89 17.32 -2.86 12.17
N CYS C 90 18.45 -2.35 12.66
CA CYS C 90 19.34 -1.52 11.85
C CYS C 90 20.27 -2.41 11.04
N ALA C 91 20.30 -2.20 9.73
CA ALA C 91 21.05 -3.07 8.82
C ALA C 91 22.59 -3.00 8.99
N PRO C 92 23.17 -1.79 9.06
CA PRO C 92 24.62 -1.77 9.34
C PRO C 92 25.00 -2.43 10.67
N HIS C 93 24.14 -2.28 11.67
CA HIS C 93 24.43 -2.78 13.01
C HIS C 93 23.60 -4.00 13.35
N ARG C 94 23.26 -4.78 12.33
CA ARG C 94 22.60 -6.07 12.52
C ARG C 94 23.48 -7.01 13.35
N GLY C 95 24.73 -7.16 12.93
CA GLY C 95 25.71 -7.96 13.63
C GLY C 95 25.79 -7.71 15.13
N ALA C 96 25.76 -6.44 15.51
CA ALA C 96 25.86 -6.07 16.92
C ALA C 96 24.50 -6.15 17.61
N GLY C 97 23.51 -6.67 16.90
CA GLY C 97 22.19 -6.86 17.46
C GLY C 97 21.46 -5.59 17.81
N MET C 98 21.50 -4.60 16.92
CA MET C 98 20.68 -3.42 17.08
C MET C 98 19.27 -3.76 16.62
N VAL C 99 18.40 -4.04 17.57
CA VAL C 99 17.08 -4.61 17.28
C VAL C 99 16.01 -4.04 18.21
N GLY C 100 14.79 -3.89 17.70
CA GLY C 100 13.69 -3.40 18.52
C GLY C 100 12.38 -4.09 18.15
N LYS C 101 11.39 -3.96 19.02
CA LYS C 101 10.10 -4.60 18.81
C LYS C 101 8.97 -3.72 19.30
N ILE C 102 7.99 -3.48 18.43
CA ILE C 102 6.80 -2.72 18.80
C ILE C 102 5.58 -3.63 18.84
N THR C 103 4.88 -3.64 19.97
CA THR C 103 3.67 -4.43 20.10
C THR C 103 2.45 -3.53 20.04
N VAL C 104 1.50 -3.87 19.17
CA VAL C 104 0.25 -3.14 19.10
C VAL C 104 -0.78 -3.77 20.04
N GLU C 105 -1.19 -3.01 21.04
CA GLU C 105 -2.05 -3.54 22.10
C GLU C 105 -3.53 -3.46 21.73
N GLY C 106 -4.14 -4.63 21.59
CA GLY C 106 -5.54 -4.75 21.21
C GLY C 106 -5.95 -3.87 20.05
N MET D 1 -4.10 18.00 19.75
CA MET D 1 -3.22 17.13 18.96
C MET D 1 -4.03 16.32 17.96
N GLU D 2 -4.02 16.75 16.70
CA GLU D 2 -4.79 16.09 15.67
C GLU D 2 -3.90 15.52 14.58
N THR D 3 -4.53 15.07 13.48
CA THR D 3 -3.80 14.54 12.33
C THR D 3 -4.49 14.94 11.04
N PHE D 4 -3.84 15.83 10.28
CA PHE D 4 -4.37 16.28 9.00
C PHE D 4 -3.84 15.42 7.87
N THR D 5 -4.71 15.07 6.93
CA THR D 5 -4.33 14.21 5.83
C THR D 5 -4.40 14.96 4.50
N VAL D 6 -3.33 14.88 3.72
CA VAL D 6 -3.28 15.51 2.41
C VAL D 6 -3.00 14.47 1.33
N LYS D 7 -3.80 14.49 0.27
CA LYS D 7 -3.66 13.53 -0.80
C LYS D 7 -2.76 14.09 -1.91
N MET D 8 -1.79 13.30 -2.33
CA MET D 8 -0.87 13.73 -3.38
C MET D 8 -1.45 13.37 -4.74
N GLY D 9 -2.22 14.31 -5.28
CA GLY D 9 -2.98 14.06 -6.50
C GLY D 9 -4.44 13.99 -6.13
N ALA D 10 -5.22 14.96 -6.62
CA ALA D 10 -6.63 15.05 -6.26
C ALA D 10 -7.44 13.90 -6.86
N ASP D 11 -8.50 13.51 -6.16
CA ASP D 11 -9.38 12.44 -6.62
C ASP D 11 -9.97 12.79 -7.98
N SER D 12 -10.07 14.09 -8.24
CA SER D 12 -10.49 14.60 -9.53
C SER D 12 -9.54 14.15 -10.64
N GLY D 13 -8.28 13.94 -10.27
CA GLY D 13 -7.26 13.55 -11.22
C GLY D 13 -6.40 14.74 -11.64
N LEU D 14 -6.42 15.78 -10.83
CA LEU D 14 -5.60 16.97 -11.06
C LEU D 14 -4.24 16.88 -10.37
N LEU D 15 -3.29 17.66 -10.86
CA LEU D 15 -1.98 17.71 -10.25
C LEU D 15 -1.92 18.77 -9.14
N GLN D 16 -2.62 18.50 -8.03
CA GLN D 16 -2.57 19.36 -6.87
C GLN D 16 -2.40 18.53 -5.61
N PHE D 17 -2.17 19.22 -4.50
CA PHE D 17 -2.34 18.62 -3.18
C PHE D 17 -3.71 19.04 -2.67
N GLU D 18 -4.42 18.14 -1.99
CA GLU D 18 -5.72 18.50 -1.44
C GLU D 18 -5.92 17.95 -0.03
N PRO D 19 -6.27 18.82 0.93
CA PRO D 19 -6.36 20.28 0.76
C PRO D 19 -5.01 20.95 0.48
N ALA D 20 -4.99 21.92 -0.43
CA ALA D 20 -3.76 22.59 -0.82
C ALA D 20 -3.19 23.42 0.33
N ASN D 21 -3.99 24.37 0.82
CA ASN D 21 -3.60 25.18 1.95
C ASN D 21 -4.15 24.62 3.25
N VAL D 22 -3.31 24.58 4.28
CA VAL D 22 -3.71 24.00 5.57
C VAL D 22 -3.37 24.94 6.73
N THR D 23 -4.10 24.80 7.82
CA THR D 23 -3.84 25.57 9.03
C THR D 23 -3.79 24.64 10.24
N VAL D 24 -2.63 24.56 10.87
CA VAL D 24 -2.43 23.65 12.00
C VAL D 24 -1.94 24.35 13.26
N HIS D 25 -2.20 23.71 14.40
CA HIS D 25 -1.69 24.20 15.68
C HIS D 25 -0.45 23.41 16.04
N PRO D 26 0.44 24.01 16.84
CA PRO D 26 1.62 23.28 17.35
C PRO D 26 1.23 21.97 18.02
N GLY D 27 1.87 20.88 17.60
CA GLY D 27 1.56 19.56 18.13
C GLY D 27 0.79 18.69 17.16
N ASP D 28 0.30 19.29 16.09
CA ASP D 28 -0.51 18.56 15.11
C ASP D 28 0.37 17.78 14.14
N THR D 29 -0.22 16.80 13.47
CA THR D 29 0.51 15.96 12.51
C THR D 29 -0.07 16.12 11.11
N VAL D 30 0.83 16.18 10.12
CA VAL D 30 0.44 16.19 8.72
C VAL D 30 0.95 14.93 8.01
N LYS D 31 0.08 14.32 7.21
CA LYS D 31 0.38 13.03 6.58
C LYS D 31 0.01 13.05 5.11
N TRP D 32 1.03 13.03 4.25
CA TRP D 32 0.81 12.96 2.81
C TRP D 32 0.69 11.52 2.35
N VAL D 33 -0.36 11.24 1.58
CA VAL D 33 -0.57 9.91 1.03
C VAL D 33 -0.49 9.96 -0.48
N ASN D 34 0.20 8.99 -1.07
CA ASN D 34 0.28 8.90 -2.52
C ASN D 34 -1.05 8.49 -3.10
N ASN D 35 -1.64 9.37 -3.91
CA ASN D 35 -2.97 9.14 -4.42
C ASN D 35 -3.00 9.00 -5.93
N LYS D 36 -3.32 10.09 -6.62
CA LYS D 36 -3.52 10.04 -8.05
C LYS D 36 -2.28 10.48 -8.83
N LEU D 37 -2.10 9.88 -9.99
CA LEU D 37 -1.05 10.25 -10.95
C LEU D 37 0.38 10.37 -10.39
N PRO D 38 0.88 9.32 -9.71
CA PRO D 38 2.27 9.36 -9.24
C PRO D 38 3.26 9.40 -10.41
N PRO D 39 4.56 9.62 -10.14
CA PRO D 39 5.24 9.80 -8.86
C PRO D 39 5.25 11.24 -8.34
N HIS D 40 5.25 11.39 -7.03
CA HIS D 40 5.37 12.71 -6.40
C HIS D 40 6.51 12.76 -5.41
N ASN D 41 6.89 13.97 -5.02
CA ASN D 41 7.78 14.18 -3.89
C ASN D 41 7.42 15.48 -3.19
N ILE D 42 8.09 15.78 -2.09
CA ILE D 42 7.76 16.97 -1.32
C ILE D 42 9.00 17.82 -1.11
N LEU D 43 8.99 19.03 -1.68
CA LEU D 43 10.13 19.92 -1.57
C LEU D 43 9.75 21.29 -1.03
N PHE D 44 10.51 21.75 -0.04
CA PHE D 44 10.45 23.14 0.40
C PHE D 44 11.71 23.85 -0.10
N ASP D 45 11.56 25.10 -0.53
CA ASP D 45 12.68 25.82 -1.09
C ASP D 45 13.47 26.50 0.02
N CYS D 46 14.75 26.76 -0.26
CA CYS D 46 15.63 27.52 0.63
C CYS D 46 14.90 28.61 1.39
N LYS D 47 14.18 29.43 0.63
CA LYS D 47 13.70 30.71 1.11
C LYS D 47 12.18 30.83 0.95
N GLN D 48 11.47 29.79 1.37
CA GLN D 48 10.02 29.81 1.37
C GLN D 48 9.48 29.53 2.76
N VAL D 49 10.35 28.93 3.58
CA VAL D 49 10.02 28.60 4.97
C VAL D 49 10.33 29.80 5.85
N PRO D 50 9.80 29.82 7.09
CA PRO D 50 10.15 30.88 8.04
C PRO D 50 11.66 31.08 8.20
N GLY D 51 12.11 32.32 8.02
CA GLY D 51 13.51 32.66 8.18
C GLY D 51 14.41 32.23 7.04
N ALA D 52 13.82 31.63 6.01
CA ALA D 52 14.55 31.17 4.84
C ALA D 52 15.68 30.22 5.22
N SER D 53 15.48 29.46 6.29
CA SER D 53 16.51 28.55 6.79
C SER D 53 16.62 27.31 5.89
N LYS D 54 17.72 27.23 5.16
CA LYS D 54 17.97 26.11 4.26
C LYS D 54 17.95 24.78 5.01
N GLU D 55 18.55 24.77 6.19
CA GLU D 55 18.61 23.57 7.02
C GLU D 55 17.22 23.07 7.38
N LEU D 56 16.31 24.00 7.61
CA LEU D 56 14.92 23.66 7.92
C LEU D 56 14.24 22.98 6.73
N ALA D 57 14.21 23.68 5.61
CA ALA D 57 13.68 23.17 4.35
C ALA D 57 14.19 21.76 4.03
N ASP D 58 15.50 21.56 4.15
CA ASP D 58 16.09 20.27 3.84
C ASP D 58 15.81 19.23 4.94
N LYS D 59 15.54 19.70 6.15
CA LYS D 59 15.18 18.79 7.24
C LYS D 59 13.75 18.27 7.06
N LEU D 60 12.91 19.07 6.41
CA LEU D 60 11.51 18.69 6.23
C LEU D 60 11.26 17.97 4.91
N SER D 61 11.91 18.44 3.86
CA SER D 61 11.69 17.93 2.51
C SER D 61 11.99 16.44 2.37
N HIS D 62 11.06 15.72 1.75
CA HIS D 62 11.27 14.32 1.40
C HIS D 62 11.67 14.23 -0.07
N SER D 63 12.94 14.48 -0.34
CA SER D 63 13.45 14.58 -1.71
C SER D 63 13.23 13.33 -2.55
N GLN D 64 12.99 12.20 -1.90
CA GLN D 64 12.88 10.94 -2.62
C GLN D 64 11.50 10.79 -3.22
N LEU D 65 11.44 10.27 -4.44
CA LEU D 65 10.19 10.10 -5.13
C LEU D 65 9.39 8.92 -4.59
N MET D 66 8.08 9.08 -4.54
CA MET D 66 7.19 8.04 -4.06
C MET D 66 6.30 7.56 -5.20
N PHE D 67 6.12 6.24 -5.31
CA PHE D 67 5.57 5.68 -6.53
C PHE D 67 4.30 4.87 -6.31
N SER D 68 4.32 3.99 -5.32
CA SER D 68 3.17 3.13 -5.05
C SER D 68 2.08 3.88 -4.28
N PRO D 69 0.82 3.48 -4.46
CA PRO D 69 -0.28 4.11 -3.72
C PRO D 69 -0.30 3.66 -2.26
N GLY D 70 -0.79 4.52 -1.39
CA GLY D 70 -0.79 4.25 0.03
C GLY D 70 0.55 4.57 0.69
N GLU D 71 1.57 4.81 -0.13
CA GLU D 71 2.87 5.23 0.38
C GLU D 71 2.73 6.60 1.01
N SER D 72 3.21 6.73 2.24
CA SER D 72 2.91 7.93 3.02
C SER D 72 4.12 8.55 3.69
N TYR D 73 4.05 9.86 3.91
CA TYR D 73 5.11 10.58 4.61
C TYR D 73 4.51 11.48 5.69
N GLU D 74 5.07 11.42 6.89
CA GLU D 74 4.48 12.14 8.01
C GLU D 74 5.44 13.13 8.65
N ILE D 75 4.95 14.34 8.90
CA ILE D 75 5.67 15.31 9.69
C ILE D 75 4.80 15.76 10.83
N THR D 76 5.34 15.77 12.05
CA THR D 76 4.57 16.29 13.16
C THR D 76 5.18 17.62 13.61
N PHE D 77 4.36 18.66 13.59
CA PHE D 77 4.80 19.99 13.97
C PHE D 77 4.68 20.22 15.46
N SER D 78 5.60 19.61 16.22
CA SER D 78 5.67 19.80 17.66
C SER D 78 6.03 21.25 17.98
N SER D 79 6.03 21.58 19.27
CA SER D 79 6.37 22.91 19.73
C SER D 79 7.74 23.39 19.23
N ASP D 80 8.58 22.43 18.82
CA ASP D 80 9.94 22.69 18.36
C ASP D 80 10.04 23.61 17.14
N PHE D 81 8.96 23.71 16.37
CA PHE D 81 9.01 24.41 15.09
C PHE D 81 8.45 25.83 15.18
N PRO D 82 9.01 26.73 14.36
CA PRO D 82 8.59 28.14 14.35
C PRO D 82 7.25 28.35 13.64
N ALA D 83 6.61 29.47 13.89
CA ALA D 83 5.35 29.80 13.26
C ALA D 83 5.58 30.44 11.90
N GLY D 84 4.53 30.49 11.08
CA GLY D 84 4.61 31.11 9.77
C GLY D 84 4.08 30.23 8.66
N THR D 85 4.54 30.51 7.43
CA THR D 85 4.04 29.81 6.26
C THR D 85 5.12 28.98 5.58
N TYR D 86 4.87 27.68 5.50
CA TYR D 86 5.75 26.76 4.81
C TYR D 86 5.15 26.42 3.45
N THR D 87 5.91 26.64 2.38
CA THR D 87 5.39 26.42 1.04
C THR D 87 6.15 25.29 0.33
N TYR D 88 5.41 24.34 -0.22
CA TYR D 88 6.02 23.15 -0.81
C TYR D 88 5.45 22.83 -2.20
N TYR D 89 6.15 21.96 -2.91
CA TYR D 89 5.79 21.64 -4.29
C TYR D 89 6.32 20.28 -4.74
N CYS D 90 5.61 19.67 -5.67
CA CYS D 90 6.06 18.44 -6.31
C CYS D 90 7.01 18.78 -7.47
N ALA D 91 8.20 18.18 -7.47
CA ALA D 91 9.22 18.53 -8.45
C ALA D 91 8.89 18.10 -9.88
N PRO D 92 8.43 16.85 -10.10
CA PRO D 92 8.02 16.51 -11.47
C PRO D 92 6.88 17.39 -11.99
N HIS D 93 5.97 17.78 -11.10
CA HIS D 93 4.79 18.54 -11.49
C HIS D 93 4.87 20.00 -11.04
N ARG D 94 6.09 20.51 -10.96
CA ARG D 94 6.32 21.93 -10.70
C ARG D 94 5.69 22.77 -11.81
N GLY D 95 6.03 22.44 -13.05
CA GLY D 95 5.48 23.09 -14.23
C GLY D 95 3.97 23.24 -14.22
N ALA D 96 3.27 22.19 -13.80
CA ALA D 96 1.81 22.20 -13.77
C ALA D 96 1.30 22.84 -12.49
N GLY D 97 2.22 23.40 -11.71
CA GLY D 97 1.87 24.12 -10.50
C GLY D 97 1.27 23.26 -9.42
N MET D 98 1.84 22.08 -9.18
CA MET D 98 1.45 21.28 -8.03
C MET D 98 2.10 21.86 -6.79
N VAL D 99 1.34 22.63 -6.02
CA VAL D 99 1.89 23.42 -4.93
C VAL D 99 0.95 23.45 -3.73
N GLY D 100 1.51 23.49 -2.53
CA GLY D 100 0.70 23.58 -1.33
C GLY D 100 1.35 24.46 -0.28
N LYS D 101 0.57 24.85 0.72
CA LYS D 101 1.05 25.73 1.77
C LYS D 101 0.47 25.38 3.13
N ILE D 102 1.35 25.19 4.12
CA ILE D 102 0.92 24.93 5.48
C ILE D 102 1.23 26.11 6.37
N THR D 103 0.21 26.61 7.06
CA THR D 103 0.39 27.72 7.98
C THR D 103 0.35 27.21 9.41
N VAL D 104 1.36 27.56 10.20
CA VAL D 104 1.38 27.23 11.62
C VAL D 104 0.71 28.33 12.44
N GLU D 105 -0.39 27.99 13.10
CA GLU D 105 -1.20 28.98 13.79
C GLU D 105 -0.71 29.24 15.20
N GLY D 106 -0.26 30.47 15.43
CA GLY D 106 0.27 30.89 16.72
C GLY D 106 1.25 29.92 17.35
#